data_7KIW
#
_entry.id   7KIW
#
_cell.length_a   68.372
_cell.length_b   80.025
_cell.length_c   88.115
_cell.angle_alpha   90.000
_cell.angle_beta   90.000
_cell.angle_gamma   90.000
#
_symmetry.space_group_name_H-M   'P 21 21 21'
#
loop_
_entity.id
_entity.type
_entity.pdbx_description
1 polymer 'Peptidoglycan D,D-transpeptidase FtsI'
2 non-polymer "(2S,5R)-1-formyl-N'-[(3R)-piperidine-3-carbonyl]-5-[(sulfooxy)amino]piperidine-2-carbohydrazide"
3 water water
#
_entity_poly.entity_id   1
_entity_poly.type   'polypeptide(L)'
_entity_poly.pdbx_seq_one_letter_code
;MKLNYFQGALYPWRFCVIVGLLLAMVGAIVWRIVDLHVIDHDFLKGQGDARSVRHIAIPAHRGLITDRNGEPLAVSTPVT
TLWANPKELMTAKERWPQLAAALGQDTKLFADRIEQNAEREFIYLVRGLTPEQGEGVIALKVPGVYSIEEFRRFYPAGEV
VAHAVGFTDVDDRGREGIELAFDEWLAGVPGKRQVLKDRRGRVIKDVQVTKNAKPGKTLALSIDLRLQYLAHRELRNALL
ENGAKAGSLVIMDVKTGEILAMTNQPTYNPNNRRNLQPAAMRNRAMIDVFEPGSTVKPFSMSAALASGRWKPSDIVDVYP
GTLQIGRYTIRDVSRNSRQLDLTGILIKSSNVGISKIAFDIGAESIYSVMQQVGLGQDTGLGFPGERVGNLPNHRKWPKA
ETATLAYGYGLSVTAIQLAHAYAALANDGKSVPLSMTRVDRVPDGVQVISPEVASTVQGMLQQVVEAQGGVFRAQVPGYH
AAGKSGTARKVSVGTKGYRENAYRSLFAGFAPATDPRIAMVVVIDEPSKAGYFGGLVSAPVFSKVMAGALRLMNVPPDNL
PTATEQQQVNAAPAKGGRG
;
_entity_poly.pdbx_strand_id   A
#
# COMPACT_ATOMS: atom_id res chain seq x y z
N ALA A 57 -1.77 -36.86 -5.43
CA ALA A 57 -1.56 -35.44 -4.98
C ALA A 57 -1.62 -35.38 -3.45
N ILE A 58 -0.45 -35.43 -2.79
CA ILE A 58 -0.27 -35.25 -1.32
C ILE A 58 0.17 -33.80 -1.08
N PRO A 59 -0.77 -32.86 -0.77
CA PRO A 59 -0.47 -31.43 -0.77
C PRO A 59 0.65 -31.06 0.23
N ALA A 60 1.53 -30.15 -0.18
CA ALA A 60 2.70 -29.68 0.60
C ALA A 60 2.26 -28.67 1.65
N HIS A 61 2.94 -28.64 2.79
CA HIS A 61 2.79 -27.62 3.87
C HIS A 61 3.29 -26.29 3.31
N ARG A 62 2.41 -25.29 3.26
CA ARG A 62 2.67 -23.96 2.65
C ARG A 62 3.48 -23.10 3.63
N GLY A 63 4.46 -22.34 3.13
CA GLY A 63 5.42 -21.58 3.95
C GLY A 63 4.72 -20.56 4.82
N LEU A 64 5.13 -20.48 6.09
CA LEU A 64 4.65 -19.48 7.08
C LEU A 64 5.04 -18.08 6.58
N ILE A 65 4.12 -17.10 6.66
CA ILE A 65 4.40 -15.64 6.46
C ILE A 65 4.35 -14.96 7.83
N THR A 66 5.42 -14.28 8.24
CA THR A 66 5.44 -13.47 9.49
C THR A 66 5.63 -11.99 9.15
N ASP A 67 5.49 -11.12 10.16
CA ASP A 67 5.87 -9.70 10.04
C ASP A 67 7.41 -9.69 10.10
N ARG A 68 8.02 -8.50 10.07
CA ARG A 68 9.51 -8.36 10.12
C ARG A 68 10.05 -8.93 11.44
N ASN A 69 9.25 -8.95 12.52
CA ASN A 69 9.69 -9.35 13.88
C ASN A 69 9.23 -10.78 14.19
N GLY A 70 8.67 -11.50 13.21
CA GLY A 70 8.34 -12.94 13.34
C GLY A 70 6.89 -13.22 13.76
N GLU A 71 6.05 -12.21 13.98
CA GLU A 71 4.62 -12.38 14.31
C GLU A 71 3.92 -13.05 13.13
N PRO A 72 3.08 -14.10 13.36
CA PRO A 72 2.50 -14.88 12.25
C PRO A 72 1.35 -14.16 11.55
N LEU A 73 1.37 -14.12 10.21
CA LEU A 73 0.40 -13.38 9.37
C LEU A 73 -0.41 -14.35 8.51
N ALA A 74 0.17 -15.49 8.13
CA ALA A 74 -0.49 -16.54 7.34
C ALA A 74 0.09 -17.91 7.74
N VAL A 75 -0.74 -18.79 8.29
CA VAL A 75 -0.32 -20.11 8.87
C VAL A 75 -1.14 -21.19 8.16
N SER A 76 -0.50 -22.23 7.62
CA SER A 76 -1.22 -23.42 7.07
C SER A 76 -1.42 -24.41 8.23
N THR A 77 -2.69 -24.68 8.55
CA THR A 77 -3.13 -25.53 9.68
C THR A 77 -3.61 -26.87 9.12
N PRO A 78 -3.10 -28.02 9.62
CA PRO A 78 -3.65 -29.32 9.24
C PRO A 78 -5.17 -29.36 9.42
N VAL A 79 -5.87 -29.74 8.34
CA VAL A 79 -7.33 -30.02 8.31
C VAL A 79 -7.54 -31.39 7.65
N THR A 80 -8.73 -31.98 7.78
CA THR A 80 -9.10 -33.28 7.16
C THR A 80 -10.07 -33.02 6.00
N THR A 81 -9.92 -33.76 4.89
CA THR A 81 -10.76 -33.68 3.67
C THR A 81 -11.26 -35.08 3.29
N LEU A 82 -12.55 -35.35 3.55
CA LEU A 82 -13.21 -36.62 3.18
C LEU A 82 -13.47 -36.61 1.67
N TRP A 83 -13.08 -37.69 0.99
CA TRP A 83 -13.36 -37.94 -0.45
C TRP A 83 -13.99 -39.32 -0.55
N ALA A 84 -14.62 -39.64 -1.68
CA ALA A 84 -15.44 -40.85 -1.83
C ALA A 84 -15.23 -41.47 -3.21
N ASN A 85 -15.13 -42.80 -3.25
CA ASN A 85 -15.29 -43.64 -4.46
C ASN A 85 -16.78 -43.86 -4.67
N PRO A 86 -17.43 -43.16 -5.63
CA PRO A 86 -18.86 -43.32 -5.90
C PRO A 86 -19.29 -44.76 -6.18
N LYS A 87 -18.51 -45.49 -6.97
CA LYS A 87 -18.79 -46.88 -7.40
C LYS A 87 -18.89 -47.78 -6.16
N GLU A 88 -18.08 -47.53 -5.13
CA GLU A 88 -18.11 -48.28 -3.84
C GLU A 88 -19.25 -47.78 -2.95
N LEU A 89 -19.69 -46.53 -3.12
CA LEU A 89 -20.83 -45.93 -2.37
C LEU A 89 -22.18 -46.47 -2.89
N MET A 90 -22.27 -46.78 -4.19
CA MET A 90 -23.51 -47.30 -4.84
C MET A 90 -23.86 -48.70 -4.32
N THR A 91 -23.01 -49.30 -3.48
CA THR A 91 -23.21 -50.65 -2.88
C THR A 91 -23.64 -50.53 -1.41
N ALA A 92 -23.51 -49.34 -0.81
CA ALA A 92 -23.90 -49.04 0.59
C ALA A 92 -24.85 -47.83 0.64
N LYS A 93 -25.85 -47.81 -0.24
CA LYS A 93 -26.93 -46.77 -0.33
C LYS A 93 -27.57 -46.55 1.04
N GLU A 94 -27.69 -47.57 1.87
CA GLU A 94 -28.40 -47.49 3.18
C GLU A 94 -27.58 -46.64 4.16
N ARG A 95 -26.29 -46.40 3.90
CA ARG A 95 -25.39 -45.63 4.81
C ARG A 95 -25.46 -44.12 4.48
N TRP A 96 -25.76 -43.76 3.22
CA TRP A 96 -25.73 -42.37 2.69
C TRP A 96 -26.31 -41.39 3.71
N PRO A 97 -27.57 -41.55 4.16
CA PRO A 97 -28.22 -40.54 5.00
C PRO A 97 -27.54 -40.28 6.36
N GLN A 98 -26.84 -41.28 6.93
CA GLN A 98 -26.03 -41.09 8.17
C GLN A 98 -24.84 -40.19 7.82
N LEU A 99 -24.29 -40.38 6.64
CA LEU A 99 -23.09 -39.67 6.11
C LEU A 99 -23.46 -38.19 5.89
N ALA A 100 -24.39 -37.93 4.98
CA ALA A 100 -25.00 -36.61 4.69
C ALA A 100 -25.25 -35.82 5.99
N ALA A 101 -25.95 -36.40 6.96
CA ALA A 101 -26.31 -35.79 8.27
C ALA A 101 -25.06 -35.27 9.00
N ALA A 102 -23.98 -36.07 9.02
CA ALA A 102 -22.71 -35.77 9.72
C ALA A 102 -21.90 -34.74 8.91
N LEU A 103 -22.28 -34.50 7.65
CA LEU A 103 -21.73 -33.41 6.78
C LEU A 103 -22.73 -32.25 6.66
N GLY A 104 -23.72 -32.17 7.56
CA GLY A 104 -24.83 -31.19 7.51
C GLY A 104 -25.29 -30.90 6.09
N GLN A 105 -25.49 -31.95 5.28
CA GLN A 105 -25.98 -31.86 3.87
C GLN A 105 -27.38 -32.51 3.75
N ASP A 106 -28.23 -31.95 2.89
CA ASP A 106 -29.58 -32.47 2.55
C ASP A 106 -29.44 -33.87 1.95
N THR A 107 -30.24 -34.82 2.42
CA THR A 107 -30.16 -36.25 2.05
C THR A 107 -30.41 -36.44 0.56
N LYS A 108 -31.35 -35.67 -0.02
CA LYS A 108 -31.80 -35.85 -1.43
C LYS A 108 -30.72 -35.34 -2.40
N LEU A 109 -30.15 -34.16 -2.10
CA LEU A 109 -29.11 -33.50 -2.94
C LEU A 109 -27.82 -34.29 -2.78
N PHE A 110 -27.51 -34.74 -1.56
CA PHE A 110 -26.36 -35.64 -1.29
C PHE A 110 -26.49 -36.87 -2.19
N ALA A 111 -27.64 -37.53 -2.13
CA ALA A 111 -27.96 -38.75 -2.91
C ALA A 111 -27.91 -38.44 -4.41
N ASP A 112 -28.51 -37.32 -4.83
CA ASP A 112 -28.61 -36.91 -6.27
C ASP A 112 -27.20 -36.66 -6.84
N ARG A 113 -26.32 -36.03 -6.06
CA ARG A 113 -24.90 -35.82 -6.42
C ARG A 113 -24.28 -37.20 -6.70
N ILE A 114 -24.28 -38.10 -5.70
CA ILE A 114 -23.65 -39.45 -5.76
C ILE A 114 -24.22 -40.19 -6.98
N GLU A 115 -25.56 -40.24 -7.10
CA GLU A 115 -26.30 -40.99 -8.15
C GLU A 115 -25.80 -40.58 -9.54
N GLN A 116 -25.63 -39.28 -9.79
CA GLN A 116 -25.28 -38.71 -11.13
C GLN A 116 -23.79 -38.91 -11.43
N ASN A 117 -22.95 -39.09 -10.40
CA ASN A 117 -21.49 -39.37 -10.54
C ASN A 117 -21.21 -40.85 -10.26
N ALA A 118 -22.08 -41.74 -10.77
CA ALA A 118 -22.02 -43.22 -10.57
C ALA A 118 -20.81 -43.81 -11.31
N GLU A 119 -20.51 -43.29 -12.51
CA GLU A 119 -19.42 -43.78 -13.40
C GLU A 119 -18.18 -42.87 -13.26
N ARG A 120 -17.73 -42.65 -12.01
CA ARG A 120 -16.52 -41.86 -11.67
C ARG A 120 -15.99 -42.39 -10.33
N GLU A 121 -14.66 -42.30 -10.11
CA GLU A 121 -13.96 -42.98 -8.98
C GLU A 121 -13.43 -41.95 -7.96
N PHE A 122 -13.64 -40.65 -8.17
CA PHE A 122 -13.24 -39.60 -7.20
C PHE A 122 -14.24 -38.44 -7.19
N ILE A 123 -14.67 -38.07 -5.97
CA ILE A 123 -15.45 -36.83 -5.66
C ILE A 123 -15.06 -36.35 -4.26
N TYR A 124 -15.18 -35.04 -4.01
CA TYR A 124 -14.94 -34.38 -2.71
C TYR A 124 -16.26 -34.29 -1.94
N LEU A 125 -16.32 -34.86 -0.74
CA LEU A 125 -17.49 -34.73 0.16
C LEU A 125 -17.39 -33.39 0.88
N VAL A 126 -16.44 -33.25 1.82
CA VAL A 126 -16.19 -32.00 2.59
C VAL A 126 -14.68 -31.73 2.61
N ARG A 127 -14.28 -30.46 2.48
CA ARG A 127 -12.85 -30.03 2.48
C ARG A 127 -12.57 -29.21 3.74
N GLY A 128 -11.74 -29.74 4.65
CA GLY A 128 -11.13 -28.98 5.74
C GLY A 128 -11.94 -29.00 7.02
N LEU A 129 -12.33 -30.19 7.50
CA LEU A 129 -12.86 -30.39 8.87
C LEU A 129 -11.69 -30.29 9.85
N THR A 130 -11.97 -30.10 11.14
CA THR A 130 -10.94 -30.03 12.22
C THR A 130 -10.29 -31.41 12.32
N PRO A 131 -9.26 -31.60 13.18
CA PRO A 131 -8.70 -32.93 13.42
C PRO A 131 -9.77 -33.99 13.80
N GLU A 132 -10.61 -33.69 14.80
CA GLU A 132 -11.51 -34.67 15.47
C GLU A 132 -12.89 -34.70 14.79
N GLN A 133 -13.19 -33.77 13.89
CA GLN A 133 -14.46 -33.77 13.10
C GLN A 133 -14.38 -34.86 12.04
N GLY A 134 -13.34 -34.83 11.21
CA GLY A 134 -13.10 -35.78 10.10
C GLY A 134 -12.92 -37.21 10.59
N GLU A 135 -12.41 -37.39 11.81
CA GLU A 135 -12.20 -38.71 12.47
C GLU A 135 -13.54 -39.31 12.90
N GLY A 136 -14.56 -38.46 13.13
CA GLY A 136 -15.92 -38.88 13.52
C GLY A 136 -16.71 -39.40 12.34
N VAL A 137 -16.42 -38.90 11.13
CA VAL A 137 -17.15 -39.21 9.85
C VAL A 137 -16.43 -40.33 9.10
N ILE A 138 -15.31 -40.85 9.63
CA ILE A 138 -14.58 -42.04 9.11
C ILE A 138 -14.82 -43.21 10.06
N ALA A 139 -15.17 -42.92 11.33
CA ALA A 139 -15.52 -43.90 12.38
C ALA A 139 -16.92 -44.48 12.13
N LEU A 140 -17.75 -43.81 11.32
CA LEU A 140 -19.04 -44.34 10.80
C LEU A 140 -18.75 -45.59 9.95
N LYS A 141 -17.56 -45.65 9.33
CA LYS A 141 -17.01 -46.82 8.61
C LYS A 141 -17.78 -47.02 7.30
N VAL A 142 -18.25 -45.95 6.67
CA VAL A 142 -18.97 -46.03 5.36
C VAL A 142 -17.99 -46.59 4.34
N PRO A 143 -18.39 -47.63 3.56
CA PRO A 143 -17.61 -48.07 2.41
C PRO A 143 -17.47 -47.02 1.29
N GLY A 144 -16.22 -46.78 0.84
CA GLY A 144 -15.88 -45.92 -0.30
C GLY A 144 -15.55 -44.50 0.12
N VAL A 145 -15.39 -44.27 1.44
CA VAL A 145 -15.26 -42.94 2.08
C VAL A 145 -13.97 -42.93 2.89
N TYR A 146 -12.93 -42.27 2.37
CA TYR A 146 -11.54 -42.26 2.89
C TYR A 146 -11.16 -40.86 3.41
N SER A 147 -9.97 -40.76 4.01
CA SER A 147 -9.41 -39.54 4.64
C SER A 147 -8.26 -39.00 3.79
N ILE A 148 -8.08 -37.68 3.75
CA ILE A 148 -6.85 -36.98 3.28
C ILE A 148 -6.44 -35.98 4.37
N GLU A 149 -5.16 -35.96 4.74
CA GLU A 149 -4.55 -34.90 5.57
C GLU A 149 -4.13 -33.76 4.62
N GLU A 150 -4.75 -32.58 4.82
CA GLU A 150 -4.59 -31.37 3.95
C GLU A 150 -4.23 -30.16 4.83
N PHE A 151 -4.08 -28.99 4.20
CA PHE A 151 -3.61 -27.74 4.86
C PHE A 151 -4.55 -26.60 4.48
N ARG A 152 -5.10 -25.93 5.51
CA ARG A 152 -5.94 -24.71 5.36
C ARG A 152 -5.19 -23.49 5.90
N ARG A 153 -5.24 -22.37 5.16
CA ARG A 153 -4.61 -21.07 5.52
C ARG A 153 -5.48 -20.34 6.55
N PHE A 154 -4.87 -19.90 7.65
CA PHE A 154 -5.47 -18.99 8.65
C PHE A 154 -4.60 -17.73 8.77
N TYR A 155 -5.26 -16.58 8.94
CA TYR A 155 -4.68 -15.22 8.99
C TYR A 155 -4.91 -14.68 10.39
N PRO A 156 -3.95 -14.86 11.32
CA PRO A 156 -4.16 -14.46 12.72
C PRO A 156 -4.47 -12.98 12.89
N ALA A 157 -3.85 -12.11 12.08
CA ALA A 157 -3.98 -10.64 12.18
C ALA A 157 -5.24 -10.13 11.48
N GLY A 158 -5.85 -10.93 10.60
CA GLY A 158 -7.17 -10.65 9.97
C GLY A 158 -7.20 -9.36 9.16
N GLU A 159 -8.28 -8.58 9.31
CA GLU A 159 -8.53 -7.27 8.65
C GLU A 159 -7.26 -6.40 8.61
N VAL A 160 -6.44 -6.44 9.67
CA VAL A 160 -5.33 -5.48 9.92
C VAL A 160 -4.35 -5.51 8.74
N VAL A 161 -4.03 -6.68 8.17
CA VAL A 161 -3.04 -6.81 7.06
C VAL A 161 -3.67 -7.50 5.83
N ALA A 162 -4.98 -7.37 5.62
CA ALA A 162 -5.69 -8.20 4.62
C ALA A 162 -5.11 -7.97 3.21
N HIS A 163 -5.02 -6.72 2.78
CA HIS A 163 -4.63 -6.35 1.39
C HIS A 163 -3.17 -6.74 1.13
N ALA A 164 -2.29 -6.52 2.10
CA ALA A 164 -0.85 -6.78 1.96
C ALA A 164 -0.63 -8.28 1.75
N VAL A 165 -1.19 -9.08 2.66
CA VAL A 165 -0.94 -10.55 2.76
C VAL A 165 -1.73 -11.25 1.65
N GLY A 166 -2.95 -10.80 1.38
CA GLY A 166 -3.89 -11.46 0.45
C GLY A 166 -4.36 -12.78 1.02
N PHE A 167 -4.65 -13.76 0.17
CA PHE A 167 -5.16 -15.09 0.60
C PHE A 167 -5.01 -16.10 -0.53
N THR A 168 -5.18 -17.37 -0.18
CA THR A 168 -5.17 -18.54 -1.10
C THR A 168 -6.61 -18.92 -1.49
N ASP A 169 -6.78 -19.59 -2.62
CA ASP A 169 -8.09 -20.13 -3.09
C ASP A 169 -8.31 -21.50 -2.44
N VAL A 170 -9.35 -22.23 -2.84
CA VAL A 170 -9.73 -23.58 -2.31
C VAL A 170 -8.56 -24.56 -2.44
N ASP A 171 -7.67 -24.36 -3.41
CA ASP A 171 -6.54 -25.28 -3.75
C ASP A 171 -5.29 -24.97 -2.91
N ASP A 172 -5.33 -23.94 -2.04
CA ASP A 172 -4.16 -23.39 -1.29
C ASP A 172 -3.16 -22.80 -2.30
N ARG A 173 -3.66 -22.23 -3.41
CA ARG A 173 -2.87 -21.45 -4.40
C ARG A 173 -3.11 -19.96 -4.15
N GLY A 174 -2.07 -19.14 -4.31
CA GLY A 174 -2.12 -17.67 -4.11
C GLY A 174 -3.13 -17.01 -5.02
N ARG A 175 -3.97 -16.14 -4.45
CA ARG A 175 -5.12 -15.49 -5.13
C ARG A 175 -4.92 -13.97 -5.12
N GLU A 176 -4.50 -13.40 -3.98
CA GLU A 176 -4.25 -11.94 -3.80
C GLU A 176 -2.93 -11.71 -3.04
N GLY A 177 -2.41 -10.49 -3.17
CA GLY A 177 -1.31 -9.93 -2.35
C GLY A 177 -0.08 -10.82 -2.33
N ILE A 178 0.61 -10.84 -1.19
CA ILE A 178 1.90 -11.57 -0.99
C ILE A 178 1.69 -13.06 -1.27
N GLU A 179 0.50 -13.60 -1.01
CA GLU A 179 0.22 -15.06 -1.15
C GLU A 179 0.42 -15.47 -2.61
N LEU A 180 -0.01 -14.63 -3.56
CA LEU A 180 0.21 -14.83 -5.02
C LEU A 180 1.64 -14.48 -5.39
N ALA A 181 2.10 -13.25 -5.11
CA ALA A 181 3.40 -12.70 -5.58
C ALA A 181 4.54 -13.64 -5.22
N PHE A 182 4.44 -14.36 -4.11
CA PHE A 182 5.52 -15.22 -3.56
C PHE A 182 5.04 -16.68 -3.52
N ASP A 183 4.07 -17.03 -4.38
CA ASP A 183 3.43 -18.38 -4.43
C ASP A 183 4.50 -19.45 -4.63
N GLU A 184 5.43 -19.26 -5.56
CA GLU A 184 6.45 -20.28 -5.95
C GLU A 184 7.33 -20.59 -4.72
N TRP A 185 7.66 -19.57 -3.93
CA TRP A 185 8.54 -19.66 -2.74
C TRP A 185 7.78 -20.27 -1.55
N LEU A 186 6.49 -19.92 -1.43
CA LEU A 186 5.62 -20.28 -0.28
C LEU A 186 5.06 -21.70 -0.46
N ALA A 187 4.78 -22.10 -1.71
CA ALA A 187 4.08 -23.35 -2.09
C ALA A 187 4.94 -24.59 -1.76
N GLY A 188 6.19 -24.63 -2.20
CA GLY A 188 6.92 -25.91 -2.32
C GLY A 188 6.33 -26.75 -3.45
N VAL A 189 6.26 -28.08 -3.29
CA VAL A 189 5.83 -29.01 -4.39
C VAL A 189 5.06 -30.20 -3.81
N PRO A 190 3.90 -30.57 -4.42
CA PRO A 190 3.11 -31.72 -3.97
C PRO A 190 3.79 -33.09 -4.16
N GLY A 191 3.31 -34.11 -3.42
CA GLY A 191 3.77 -35.51 -3.50
C GLY A 191 2.77 -36.40 -4.22
N LYS A 211 6.94 -39.78 -5.32
CA LYS A 211 7.57 -38.49 -4.90
C LYS A 211 6.96 -38.02 -3.57
N ASN A 212 7.82 -37.63 -2.61
CA ASN A 212 7.43 -37.01 -1.32
C ASN A 212 7.08 -35.54 -1.53
N ALA A 213 6.21 -34.99 -0.69
CA ALA A 213 5.88 -33.55 -0.62
C ALA A 213 7.03 -32.82 0.08
N LYS A 214 7.64 -31.84 -0.60
CA LYS A 214 8.64 -30.91 -0.02
C LYS A 214 7.91 -29.63 0.41
N PRO A 215 8.00 -29.25 1.71
CA PRO A 215 7.25 -28.10 2.23
C PRO A 215 7.79 -26.77 1.69
N GLY A 216 6.92 -25.75 1.62
CA GLY A 216 7.28 -24.40 1.18
C GLY A 216 8.21 -23.74 2.17
N LYS A 217 8.67 -22.53 1.86
CA LYS A 217 9.69 -21.81 2.68
C LYS A 217 9.04 -20.61 3.39
N THR A 218 9.49 -20.32 4.60
CA THR A 218 9.05 -19.18 5.47
C THR A 218 9.40 -17.85 4.78
N LEU A 219 8.49 -16.88 4.85
CA LEU A 219 8.66 -15.51 4.30
C LEU A 219 8.36 -14.48 5.38
N ALA A 220 9.36 -13.69 5.76
CA ALA A 220 9.26 -12.54 6.66
C ALA A 220 9.00 -11.29 5.81
N LEU A 221 7.86 -10.62 6.00
CA LEU A 221 7.51 -9.39 5.27
C LEU A 221 8.23 -8.21 5.89
N SER A 222 8.29 -7.11 5.14
CA SER A 222 8.82 -5.80 5.58
C SER A 222 7.89 -5.20 6.63
N ILE A 223 6.59 -5.47 6.54
CA ILE A 223 5.53 -4.93 7.44
C ILE A 223 5.97 -5.16 8.90
N ASP A 224 5.93 -4.11 9.71
CA ASP A 224 5.95 -4.19 11.20
C ASP A 224 4.49 -4.19 11.65
N LEU A 225 4.01 -5.28 12.24
CA LEU A 225 2.58 -5.43 12.65
C LEU A 225 2.23 -4.39 13.74
N ARG A 226 3.19 -3.95 14.55
CA ARG A 226 2.91 -2.87 15.55
C ARG A 226 2.52 -1.60 14.78
N LEU A 227 3.31 -1.22 13.76
CA LEU A 227 3.02 -0.01 12.94
C LEU A 227 1.76 -0.25 12.09
N GLN A 228 1.56 -1.47 11.56
CA GLN A 228 0.37 -1.77 10.72
C GLN A 228 -0.89 -1.53 11.55
N TYR A 229 -0.92 -2.02 12.79
CA TYR A 229 -2.12 -1.91 13.67
C TYR A 229 -2.37 -0.42 14.02
N LEU A 230 -1.32 0.31 14.41
CA LEU A 230 -1.39 1.76 14.70
C LEU A 230 -1.95 2.51 13.49
N ALA A 231 -1.38 2.26 12.30
CA ALA A 231 -1.83 2.84 11.01
C ALA A 231 -3.29 2.46 10.75
N HIS A 232 -3.64 1.19 10.88
CA HIS A 232 -5.02 0.66 10.69
C HIS A 232 -6.00 1.43 11.58
N ARG A 233 -5.82 1.35 12.91
CA ARG A 233 -6.58 2.07 13.96
C ARG A 233 -6.84 3.54 13.60
N GLU A 234 -5.77 4.29 13.33
CA GLU A 234 -5.80 5.77 13.16
C GLU A 234 -6.47 6.17 11.84
N LEU A 235 -6.29 5.43 10.74
CA LEU A 235 -6.95 5.78 9.45
C LEU A 235 -8.46 5.52 9.59
N ARG A 236 -8.82 4.45 10.29
CA ARG A 236 -10.23 4.06 10.53
C ARG A 236 -10.92 5.17 11.34
N ASN A 237 -10.33 5.60 12.45
CA ASN A 237 -10.81 6.75 13.27
C ASN A 237 -11.04 7.96 12.35
N ALA A 238 -9.98 8.45 11.69
CA ALA A 238 -9.98 9.67 10.85
C ALA A 238 -11.06 9.60 9.76
N LEU A 239 -11.35 8.40 9.25
CA LEU A 239 -12.43 8.17 8.24
C LEU A 239 -13.80 8.39 8.87
N LEU A 240 -13.97 8.10 10.17
CA LEU A 240 -15.24 8.32 10.90
C LEU A 240 -15.43 9.82 11.12
N GLU A 241 -14.53 10.45 11.88
CA GLU A 241 -14.56 11.91 12.17
C GLU A 241 -15.01 12.69 10.93
N ASN A 242 -14.38 12.43 9.79
CA ASN A 242 -14.54 13.22 8.52
C ASN A 242 -15.61 12.58 7.63
N GLY A 243 -16.33 11.58 8.13
CA GLY A 243 -17.39 10.87 7.38
C GLY A 243 -16.93 10.44 5.99
N ALA A 244 -15.64 10.14 5.84
CA ALA A 244 -15.02 9.62 4.60
C ALA A 244 -15.29 8.10 4.51
N LYS A 245 -15.40 7.59 3.28
CA LYS A 245 -15.85 6.19 3.01
C LYS A 245 -14.66 5.28 2.68
N ALA A 246 -13.45 5.83 2.52
CA ALA A 246 -12.26 5.11 2.01
C ALA A 246 -10.99 5.93 2.26
N GLY A 247 -9.83 5.29 2.08
CA GLY A 247 -8.52 5.90 2.28
C GLY A 247 -7.42 4.85 2.35
N SER A 248 -6.16 5.30 2.27
CA SER A 248 -4.96 4.44 2.36
C SER A 248 -3.89 5.20 3.16
N LEU A 249 -2.96 4.47 3.74
CA LEU A 249 -1.81 5.03 4.49
C LEU A 249 -0.62 4.10 4.22
N VAL A 250 0.50 4.66 3.76
CA VAL A 250 1.77 3.91 3.51
C VAL A 250 2.83 4.47 4.44
N ILE A 251 3.63 3.60 5.06
CA ILE A 251 4.82 3.97 5.87
C ILE A 251 6.01 3.21 5.29
N MET A 252 7.10 3.92 5.01
CA MET A 252 8.34 3.36 4.41
C MET A 252 9.53 3.68 5.29
N ASP A 253 10.46 2.73 5.40
CA ASP A 253 11.84 2.98 5.92
C ASP A 253 12.63 3.68 4.81
N VAL A 254 12.99 4.95 5.00
CA VAL A 254 13.64 5.75 3.92
C VAL A 254 15.06 5.20 3.66
N LYS A 255 15.66 4.51 4.63
CA LYS A 255 17.06 3.98 4.53
C LYS A 255 17.14 2.65 3.77
N THR A 256 16.13 1.76 3.90
CA THR A 256 16.19 0.34 3.44
C THR A 256 15.20 0.04 2.30
N GLY A 257 14.23 0.93 2.04
CA GLY A 257 13.23 0.78 0.97
C GLY A 257 12.10 -0.15 1.39
N GLU A 258 12.05 -0.50 2.68
CA GLU A 258 11.05 -1.44 3.24
C GLU A 258 9.72 -0.70 3.46
N ILE A 259 8.61 -1.33 3.10
CA ILE A 259 7.23 -0.87 3.42
C ILE A 259 6.90 -1.37 4.82
N LEU A 260 7.00 -0.51 5.84
CA LEU A 260 6.79 -0.90 7.26
C LEU A 260 5.28 -1.07 7.56
N ALA A 261 4.42 -0.40 6.79
CA ALA A 261 2.96 -0.48 6.94
C ALA A 261 2.31 -0.08 5.62
N MET A 262 1.25 -0.80 5.27
CA MET A 262 0.38 -0.51 4.10
C MET A 262 -1.04 -0.94 4.46
N THR A 263 -1.93 0.03 4.67
CA THR A 263 -3.32 -0.17 5.15
C THR A 263 -4.27 0.59 4.24
N ASN A 264 -5.38 -0.04 3.88
CA ASN A 264 -6.52 0.56 3.14
C ASN A 264 -7.81 0.39 3.96
N GLN A 265 -8.76 1.29 3.76
CA GLN A 265 -10.19 1.11 4.17
C GLN A 265 -11.05 1.38 2.93
N PRO A 266 -12.23 0.71 2.80
CA PRO A 266 -12.60 -0.38 3.69
C PRO A 266 -11.65 -1.58 3.56
N THR A 267 -11.66 -2.47 4.56
CA THR A 267 -10.90 -3.75 4.56
C THR A 267 -11.88 -4.93 4.74
N TYR A 268 -11.35 -6.14 4.81
CA TYR A 268 -12.13 -7.39 4.91
C TYR A 268 -11.34 -8.36 5.78
N ASN A 269 -12.04 -9.33 6.36
CA ASN A 269 -11.44 -10.47 7.11
C ASN A 269 -11.24 -11.61 6.13
N PRO A 270 -9.98 -12.01 5.84
CA PRO A 270 -9.70 -13.05 4.86
C PRO A 270 -9.98 -14.48 5.35
N ASN A 271 -10.27 -14.62 6.64
CA ASN A 271 -10.63 -15.88 7.33
C ASN A 271 -12.07 -16.27 7.00
N ASN A 272 -12.94 -15.26 6.82
CA ASN A 272 -14.39 -15.42 6.51
C ASN A 272 -14.67 -14.75 5.15
N ARG A 273 -14.61 -15.53 4.07
CA ARG A 273 -14.77 -15.02 2.68
C ARG A 273 -16.03 -15.64 2.04
N ARG A 274 -17.19 -15.21 2.55
CA ARG A 274 -18.53 -15.38 1.93
C ARG A 274 -19.24 -14.02 1.97
N ASN A 275 -19.66 -13.52 0.80
CA ASN A 275 -20.24 -12.15 0.62
C ASN A 275 -19.19 -11.10 0.99
N LEU A 276 -18.33 -10.77 0.03
CA LEU A 276 -17.23 -9.77 0.19
C LEU A 276 -17.40 -8.65 -0.84
N GLN A 277 -17.91 -7.50 -0.39
CA GLN A 277 -18.10 -6.27 -1.22
C GLN A 277 -16.77 -6.01 -1.93
N PRO A 278 -16.74 -5.96 -3.28
CA PRO A 278 -15.48 -5.98 -4.03
C PRO A 278 -14.65 -4.69 -3.89
N ALA A 279 -15.26 -3.61 -3.35
CA ALA A 279 -14.59 -2.34 -2.98
C ALA A 279 -13.65 -2.57 -1.79
N ALA A 280 -14.01 -3.52 -0.91
CA ALA A 280 -13.23 -3.89 0.29
C ALA A 280 -11.96 -4.63 -0.14
N MET A 281 -11.99 -5.31 -1.29
CA MET A 281 -10.85 -6.09 -1.86
C MET A 281 -9.79 -5.14 -2.42
N ARG A 282 -10.19 -3.95 -2.89
CA ARG A 282 -9.26 -3.00 -3.58
C ARG A 282 -8.11 -2.63 -2.65
N ASN A 283 -6.88 -3.01 -3.04
CA ASN A 283 -5.62 -2.52 -2.44
C ASN A 283 -5.35 -1.09 -2.93
N ARG A 284 -5.97 -0.09 -2.30
CA ARG A 284 -5.98 1.32 -2.80
C ARG A 284 -4.56 1.86 -2.88
N ALA A 285 -3.71 1.57 -1.89
CA ALA A 285 -2.32 2.05 -1.84
C ALA A 285 -1.63 1.72 -3.16
N MET A 286 -1.93 0.59 -3.79
CA MET A 286 -1.19 0.13 -4.99
C MET A 286 -1.97 0.29 -6.31
N ILE A 287 -3.30 0.37 -6.28
CA ILE A 287 -4.13 0.33 -7.54
C ILE A 287 -4.81 1.68 -7.79
N ASP A 288 -5.12 2.47 -6.75
CA ASP A 288 -5.82 3.78 -6.90
C ASP A 288 -4.85 4.81 -7.49
N VAL A 289 -5.13 5.29 -8.71
CA VAL A 289 -4.29 6.27 -9.43
C VAL A 289 -4.95 7.65 -9.29
N PHE A 290 -4.16 8.70 -9.06
CA PHE A 290 -4.68 10.08 -8.90
C PHE A 290 -3.60 11.08 -9.32
N GLU A 291 -4.05 12.28 -9.71
CA GLU A 291 -3.18 13.47 -9.90
C GLU A 291 -2.75 13.95 -8.51
N PRO A 292 -1.44 13.93 -8.18
CA PRO A 292 -0.98 14.16 -6.80
C PRO A 292 -1.06 15.61 -6.31
N GLY A 293 -1.18 16.57 -7.23
CA GLY A 293 -1.32 18.00 -6.94
C GLY A 293 -0.11 18.55 -6.20
N SER A 294 -0.36 19.33 -5.15
CA SER A 294 0.62 20.17 -4.43
C SER A 294 1.74 19.33 -3.80
N THR A 295 1.55 18.01 -3.64
CA THR A 295 2.57 17.10 -3.05
C THR A 295 3.75 16.86 -4.00
N VAL A 296 3.69 17.23 -5.28
CA VAL A 296 4.87 17.09 -6.18
C VAL A 296 5.65 18.42 -6.28
N LYS A 297 5.12 19.53 -5.76
CA LYS A 297 5.82 20.84 -5.77
C LYS A 297 7.25 20.70 -5.26
N PRO A 298 7.53 19.91 -4.19
CA PRO A 298 8.91 19.75 -3.74
C PRO A 298 9.87 19.23 -4.83
N PHE A 299 9.34 18.47 -5.80
CA PHE A 299 10.11 17.87 -6.92
C PHE A 299 10.30 18.89 -8.03
N SER A 300 9.29 19.70 -8.32
CA SER A 300 9.42 20.93 -9.15
C SER A 300 10.45 21.89 -8.53
N MET A 301 10.48 22.00 -7.20
CA MET A 301 11.44 22.88 -6.48
C MET A 301 12.86 22.30 -6.60
N SER A 302 13.02 20.98 -6.43
CA SER A 302 14.29 20.24 -6.64
C SER A 302 14.87 20.55 -8.03
N ALA A 303 14.04 20.49 -9.08
CA ALA A 303 14.45 20.81 -10.47
C ALA A 303 14.94 22.27 -10.53
N ALA A 304 14.21 23.22 -9.92
CA ALA A 304 14.60 24.64 -9.87
C ALA A 304 16.00 24.80 -9.23
N LEU A 305 16.26 24.10 -8.11
CA LEU A 305 17.53 24.25 -7.34
C LEU A 305 18.68 23.59 -8.09
N ALA A 306 18.41 22.64 -8.99
CA ALA A 306 19.42 21.90 -9.77
C ALA A 306 19.68 22.61 -11.10
N SER A 307 18.78 23.49 -11.54
CA SER A 307 18.92 24.27 -12.80
C SER A 307 20.14 25.19 -12.70
N GLY A 308 20.43 25.69 -11.50
CA GLY A 308 21.50 26.66 -11.21
C GLY A 308 21.02 28.09 -11.31
N ARG A 309 19.70 28.32 -11.39
CA ARG A 309 19.09 29.67 -11.61
C ARG A 309 18.31 30.12 -10.36
N TRP A 310 18.24 29.29 -9.31
CA TRP A 310 17.36 29.53 -8.15
C TRP A 310 18.04 29.05 -6.85
N LYS A 311 18.07 29.92 -5.83
CA LYS A 311 18.44 29.55 -4.43
C LYS A 311 17.21 29.77 -3.55
N PRO A 312 17.18 29.14 -2.36
CA PRO A 312 16.00 29.21 -1.48
C PRO A 312 15.47 30.62 -1.20
N SER A 313 16.36 31.61 -1.19
CA SER A 313 16.07 33.02 -0.79
C SER A 313 15.74 33.88 -2.02
N ASP A 314 15.80 33.34 -3.24
CA ASP A 314 15.36 34.07 -4.47
C ASP A 314 13.85 34.29 -4.37
N ILE A 315 13.37 35.43 -4.88
CA ILE A 315 11.94 35.85 -4.74
C ILE A 315 11.23 35.67 -6.08
N VAL A 316 9.96 35.26 -6.04
CA VAL A 316 8.98 35.32 -7.15
C VAL A 316 7.85 36.26 -6.72
N ASP A 317 7.32 37.06 -7.66
CA ASP A 317 6.16 37.94 -7.46
C ASP A 317 4.89 37.19 -7.89
N VAL A 318 4.00 36.90 -6.94
CA VAL A 318 2.78 36.07 -7.22
C VAL A 318 1.53 36.97 -7.26
N TYR A 319 1.65 38.28 -6.95
CA TYR A 319 0.50 39.22 -6.94
C TYR A 319 -0.13 39.26 -8.33
N PRO A 320 -1.48 39.30 -8.46
CA PRO A 320 -2.41 39.24 -7.34
C PRO A 320 -2.93 37.85 -6.92
N GLY A 321 -2.15 36.80 -7.15
CA GLY A 321 -2.53 35.40 -6.83
C GLY A 321 -3.22 34.72 -7.99
N THR A 322 -3.14 35.31 -9.18
CA THR A 322 -3.67 34.74 -10.44
C THR A 322 -2.64 35.00 -11.54
N LEU A 323 -2.68 34.23 -12.62
CA LEU A 323 -1.79 34.38 -13.79
C LEU A 323 -2.52 33.81 -15.00
N GLN A 324 -2.72 34.63 -16.03
CA GLN A 324 -3.42 34.20 -17.26
C GLN A 324 -2.37 33.59 -18.20
N ILE A 325 -2.60 32.33 -18.61
CA ILE A 325 -1.81 31.60 -19.65
C ILE A 325 -2.64 31.67 -20.94
N GLY A 326 -2.39 32.69 -21.78
CA GLY A 326 -3.27 33.00 -22.92
C GLY A 326 -4.73 32.98 -22.50
N ARG A 327 -5.38 31.83 -22.64
CA ARG A 327 -6.84 31.63 -22.37
C ARG A 327 -7.06 31.04 -20.96
N TYR A 328 -6.17 30.13 -20.55
CA TYR A 328 -6.18 29.44 -19.24
C TYR A 328 -5.81 30.43 -18.13
N THR A 329 -6.40 30.30 -16.94
CA THR A 329 -6.13 31.18 -15.77
C THR A 329 -5.79 30.34 -14.53
N ILE A 330 -4.60 30.55 -13.97
CA ILE A 330 -4.06 29.87 -12.75
C ILE A 330 -4.44 30.72 -11.52
N ARG A 331 -5.06 30.10 -10.51
CA ARG A 331 -5.48 30.78 -9.25
C ARG A 331 -4.82 30.10 -8.06
N ASP A 332 -4.26 30.88 -7.13
CA ASP A 332 -3.79 30.41 -5.81
C ASP A 332 -5.01 30.25 -4.89
N VAL A 333 -4.91 29.38 -3.88
CA VAL A 333 -5.97 29.21 -2.84
C VAL A 333 -5.80 30.37 -1.84
N SER A 334 -4.55 30.73 -1.54
CA SER A 334 -4.18 31.89 -0.67
C SER A 334 -3.56 32.99 -1.53
N ARG A 335 -4.14 34.20 -1.53
CA ARG A 335 -3.74 35.30 -2.44
C ARG A 335 -3.44 36.59 -1.66
N ASN A 336 -2.78 36.50 -0.50
CA ASN A 336 -2.32 37.68 0.29
C ASN A 336 -0.80 37.77 0.20
N SER A 337 -0.25 37.59 -1.01
CA SER A 337 1.20 37.52 -1.27
C SER A 337 1.57 38.40 -2.48
N ARG A 338 2.70 39.11 -2.39
CA ARG A 338 3.40 39.70 -3.54
C ARG A 338 4.70 38.89 -3.75
N GLN A 339 5.79 39.31 -3.10
CA GLN A 339 7.09 38.59 -3.18
C GLN A 339 7.07 37.40 -2.21
N LEU A 340 7.36 36.20 -2.74
CA LEU A 340 7.63 34.96 -1.95
C LEU A 340 8.99 34.42 -2.33
N ASP A 341 9.80 34.01 -1.35
CA ASP A 341 11.01 33.19 -1.59
C ASP A 341 10.56 31.75 -1.87
N LEU A 342 11.50 30.89 -2.23
CA LEU A 342 11.18 29.51 -2.68
C LEU A 342 10.53 28.74 -1.52
N THR A 343 10.93 28.99 -0.28
CA THR A 343 10.31 28.38 0.93
C THR A 343 8.86 28.88 1.05
N GLY A 344 8.68 30.20 0.88
CA GLY A 344 7.38 30.88 0.90
C GLY A 344 6.39 30.22 -0.04
N ILE A 345 6.81 29.89 -1.27
CA ILE A 345 5.94 29.27 -2.32
C ILE A 345 5.44 27.92 -1.81
N LEU A 346 6.26 27.17 -1.07
CA LEU A 346 5.83 25.85 -0.53
C LEU A 346 4.94 26.04 0.71
N ILE A 347 5.22 26.98 1.60
CA ILE A 347 4.37 27.21 2.81
C ILE A 347 2.96 27.61 2.35
N LYS A 348 2.86 28.54 1.41
CA LYS A 348 1.55 29.09 0.95
C LYS A 348 1.01 28.19 -0.16
N SER A 349 1.82 27.27 -0.68
CA SER A 349 1.48 26.38 -1.82
C SER A 349 0.90 27.20 -2.98
N SER A 350 1.67 28.17 -3.48
CA SER A 350 1.29 29.06 -4.62
C SER A 350 1.50 28.34 -5.95
N ASN A 351 0.41 28.04 -6.67
CA ASN A 351 0.47 27.49 -8.05
C ASN A 351 1.13 28.52 -8.97
N VAL A 352 0.85 29.82 -8.73
CA VAL A 352 1.38 30.96 -9.54
C VAL A 352 2.91 31.01 -9.40
N GLY A 353 3.41 30.93 -8.17
CA GLY A 353 4.85 30.95 -7.87
C GLY A 353 5.57 29.80 -8.53
N ILE A 354 5.00 28.59 -8.46
CA ILE A 354 5.67 27.36 -8.97
C ILE A 354 5.61 27.38 -10.51
N SER A 355 4.54 27.90 -11.10
CA SER A 355 4.37 28.06 -12.56
C SER A 355 5.43 29.01 -13.10
N LYS A 356 5.64 30.16 -12.45
CA LYS A 356 6.60 31.19 -12.91
C LYS A 356 8.01 30.57 -12.94
N ILE A 357 8.37 29.86 -11.87
CA ILE A 357 9.67 29.14 -11.77
C ILE A 357 9.75 28.12 -12.91
N ALA A 358 8.67 27.38 -13.16
CA ALA A 358 8.59 26.29 -14.16
C ALA A 358 8.83 26.84 -15.58
N PHE A 359 8.29 28.01 -15.90
CA PHE A 359 8.53 28.67 -17.20
C PHE A 359 10.03 28.95 -17.34
N ASP A 360 10.66 29.38 -16.24
CA ASP A 360 12.08 29.83 -16.24
C ASP A 360 13.01 28.64 -16.54
N ILE A 361 12.74 27.44 -16.02
CA ILE A 361 13.67 26.27 -16.07
C ILE A 361 13.25 25.28 -17.17
N GLY A 362 11.99 25.31 -17.61
CA GLY A 362 11.47 24.39 -18.63
C GLY A 362 10.95 23.10 -18.00
N ALA A 363 9.92 22.51 -18.61
CA ALA A 363 9.18 21.33 -18.09
C ALA A 363 10.08 20.08 -18.14
N GLU A 364 11.10 20.10 -18.99
CA GLU A 364 12.04 18.96 -19.18
C GLU A 364 12.77 18.66 -17.85
N SER A 365 13.30 19.69 -17.18
CA SER A 365 13.97 19.54 -15.86
C SER A 365 12.98 18.97 -14.84
N ILE A 366 11.72 19.42 -14.86
CA ILE A 366 10.67 18.92 -13.92
C ILE A 366 10.30 17.47 -14.25
N TYR A 367 10.06 17.15 -15.53
CA TYR A 367 9.75 15.78 -16.02
C TYR A 367 10.84 14.82 -15.53
N SER A 368 12.10 15.20 -15.74
CA SER A 368 13.27 14.33 -15.50
C SER A 368 13.41 14.02 -13.99
N VAL A 369 13.25 15.00 -13.10
CA VAL A 369 13.28 14.77 -11.62
C VAL A 369 12.16 13.79 -11.28
N MET A 370 10.93 14.07 -11.72
CA MET A 370 9.73 13.27 -11.36
C MET A 370 9.92 11.81 -11.83
N GLN A 371 10.45 11.61 -13.03
CA GLN A 371 10.78 10.28 -13.60
C GLN A 371 11.84 9.59 -12.73
N GLN A 372 12.94 10.27 -12.44
CA GLN A 372 14.06 9.73 -11.62
C GLN A 372 13.57 9.27 -10.23
N VAL A 373 12.63 9.97 -9.58
CA VAL A 373 12.12 9.56 -8.23
C VAL A 373 10.98 8.53 -8.35
N GLY A 374 10.57 8.14 -9.57
CA GLY A 374 9.72 6.96 -9.81
C GLY A 374 8.23 7.25 -9.96
N LEU A 375 7.81 8.53 -10.09
CA LEU A 375 6.39 8.91 -10.30
C LEU A 375 5.98 8.51 -11.72
N GLY A 376 4.89 7.73 -11.83
CA GLY A 376 4.40 7.22 -13.12
C GLY A 376 5.34 6.17 -13.70
N GLN A 377 6.16 5.54 -12.84
CA GLN A 377 7.17 4.52 -13.20
C GLN A 377 6.86 3.21 -12.47
N ASP A 378 7.24 2.07 -13.06
CA ASP A 378 7.10 0.71 -12.48
C ASP A 378 7.97 0.63 -11.23
N THR A 379 7.38 0.22 -10.10
CA THR A 379 8.02 0.16 -8.77
C THR A 379 8.86 -1.12 -8.62
N GLY A 380 8.64 -2.09 -9.53
CA GLY A 380 9.36 -3.38 -9.59
C GLY A 380 9.13 -4.22 -8.34
N LEU A 381 7.95 -4.14 -7.72
CA LEU A 381 7.57 -4.97 -6.54
C LEU A 381 7.02 -6.32 -7.03
N GLY A 382 6.64 -6.42 -8.31
CA GLY A 382 6.05 -7.62 -8.91
C GLY A 382 4.83 -8.08 -8.14
N PHE A 383 4.09 -7.12 -7.59
CA PHE A 383 2.90 -7.32 -6.71
C PHE A 383 1.65 -7.33 -7.59
N PRO A 384 0.74 -8.31 -7.43
CA PRO A 384 -0.40 -8.46 -8.33
C PRO A 384 -1.37 -7.28 -8.24
N GLY A 385 -1.79 -6.74 -9.39
CA GLY A 385 -2.77 -5.64 -9.48
C GLY A 385 -2.14 -4.26 -9.50
N GLU A 386 -0.89 -4.12 -9.03
CA GLU A 386 -0.20 -2.82 -8.82
C GLU A 386 -0.17 -2.04 -10.14
N ARG A 387 -0.79 -0.85 -10.14
CA ARG A 387 -0.87 0.09 -11.28
C ARG A 387 0.36 1.02 -11.26
N VAL A 388 0.67 1.61 -12.42
CA VAL A 388 1.92 2.36 -12.72
C VAL A 388 1.63 3.86 -12.82
N GLY A 389 0.38 4.22 -13.11
CA GLY A 389 0.01 5.62 -13.40
C GLY A 389 0.58 6.03 -14.74
N ASN A 390 0.69 7.33 -15.00
CA ASN A 390 1.23 7.87 -16.27
C ASN A 390 1.86 9.24 -16.03
N LEU A 391 3.15 9.36 -16.37
CA LEU A 391 3.90 10.64 -16.45
C LEU A 391 4.22 10.93 -17.91
N PRO A 392 3.42 11.73 -18.64
CA PRO A 392 3.59 11.92 -20.08
C PRO A 392 4.87 12.70 -20.44
N ASN A 393 5.68 12.12 -21.34
CA ASN A 393 6.89 12.77 -21.89
C ASN A 393 6.49 13.53 -23.16
N HIS A 394 5.96 14.75 -23.02
CA HIS A 394 5.55 15.65 -24.13
C HIS A 394 6.77 16.07 -24.96
N ARG A 395 7.99 15.92 -24.43
CA ARG A 395 9.29 16.17 -25.11
C ARG A 395 9.47 17.68 -25.30
N LYS A 396 8.45 18.36 -25.82
CA LYS A 396 8.33 19.84 -25.76
C LYS A 396 6.97 20.18 -25.13
N TRP A 397 6.99 20.99 -24.08
CA TRP A 397 5.78 21.40 -23.31
C TRP A 397 5.44 22.86 -23.63
N PRO A 398 4.19 23.18 -24.03
CA PRO A 398 3.73 24.56 -24.04
C PRO A 398 3.61 25.08 -22.60
N LYS A 399 3.17 26.33 -22.43
CA LYS A 399 3.20 27.07 -21.14
C LYS A 399 2.21 26.43 -20.15
N ALA A 400 1.00 26.08 -20.61
CA ALA A 400 -0.09 25.50 -19.78
C ALA A 400 0.31 24.12 -19.26
N GLU A 401 0.74 23.22 -20.14
CA GLU A 401 1.19 21.85 -19.77
C GLU A 401 2.42 21.94 -18.86
N THR A 402 3.24 22.98 -19.03
CA THR A 402 4.44 23.24 -18.17
C THR A 402 3.98 23.53 -16.73
N ALA A 403 3.01 24.43 -16.57
CA ALA A 403 2.46 24.84 -15.26
C ALA A 403 1.73 23.65 -14.61
N THR A 404 0.86 22.96 -15.34
CA THR A 404 -0.03 21.94 -14.74
C THR A 404 0.81 20.74 -14.26
N LEU A 405 1.94 20.45 -14.91
CA LEU A 405 2.89 19.40 -14.44
C LEU A 405 3.58 19.87 -13.15
N ALA A 406 3.96 21.15 -13.06
CA ALA A 406 4.77 21.70 -11.95
C ALA A 406 3.97 21.66 -10.64
N TYR A 407 2.65 21.89 -10.69
CA TYR A 407 1.76 21.85 -9.50
C TYR A 407 0.86 20.59 -9.53
N GLY A 408 1.24 19.57 -10.30
CA GLY A 408 0.90 18.17 -10.00
C GLY A 408 -0.41 17.67 -10.60
N TYR A 409 -1.00 18.39 -11.55
CA TYR A 409 -2.03 17.83 -12.47
C TYR A 409 -1.26 17.53 -13.76
N GLY A 410 -1.80 16.72 -14.67
CA GLY A 410 -1.03 16.33 -15.87
C GLY A 410 0.01 15.25 -15.58
N LEU A 411 -0.07 14.59 -14.43
CA LEU A 411 0.52 13.26 -14.20
C LEU A 411 -0.40 12.51 -13.24
N SER A 412 -0.29 11.18 -13.20
CA SER A 412 -1.06 10.30 -12.27
C SER A 412 -0.12 9.27 -11.62
N VAL A 413 -0.31 9.03 -10.32
CA VAL A 413 0.61 8.24 -9.44
C VAL A 413 -0.23 7.45 -8.44
N THR A 414 0.39 6.45 -7.79
CA THR A 414 -0.19 5.71 -6.65
C THR A 414 0.35 6.32 -5.34
N ALA A 415 -0.26 5.97 -4.21
CA ALA A 415 0.21 6.33 -2.85
C ALA A 415 1.64 5.81 -2.67
N ILE A 416 1.88 4.58 -3.09
CA ILE A 416 3.19 3.86 -2.97
C ILE A 416 4.25 4.66 -3.73
N GLN A 417 4.03 4.96 -5.02
CA GLN A 417 4.98 5.74 -5.83
C GLN A 417 5.31 7.04 -5.07
N LEU A 418 4.29 7.73 -4.56
CA LEU A 418 4.47 9.08 -3.92
C LEU A 418 5.30 8.96 -2.63
N ALA A 419 5.11 7.89 -1.85
CA ALA A 419 5.88 7.60 -0.61
C ALA A 419 7.33 7.24 -0.97
N HIS A 420 7.55 6.56 -2.10
CA HIS A 420 8.90 6.16 -2.58
C HIS A 420 9.68 7.42 -2.98
N ALA A 421 9.03 8.31 -3.73
CA ALA A 421 9.55 9.64 -4.12
C ALA A 421 9.94 10.42 -2.85
N TYR A 422 9.05 10.54 -1.87
CA TYR A 422 9.34 11.24 -0.58
C TYR A 422 10.49 10.55 0.16
N ALA A 423 10.49 9.21 0.21
CA ALA A 423 11.61 8.43 0.79
C ALA A 423 12.92 8.89 0.15
N ALA A 424 12.99 9.01 -1.18
CA ALA A 424 14.22 9.37 -1.90
C ALA A 424 14.68 10.76 -1.46
N LEU A 425 13.72 11.67 -1.27
CA LEU A 425 14.00 13.05 -0.81
C LEU A 425 14.55 13.01 0.63
N ALA A 426 13.92 12.23 1.51
CA ALA A 426 14.25 12.13 2.95
C ALA A 426 15.64 11.52 3.14
N ASN A 427 16.06 10.66 2.21
CA ASN A 427 17.31 9.87 2.28
C ASN A 427 18.40 10.61 1.49
N ASP A 428 18.48 11.94 1.64
CA ASP A 428 19.51 12.82 1.03
C ASP A 428 19.62 12.56 -0.48
N GLY A 429 18.49 12.30 -1.14
CA GLY A 429 18.39 12.23 -2.61
C GLY A 429 18.69 10.84 -3.16
N LYS A 430 18.79 9.82 -2.30
CA LYS A 430 19.15 8.44 -2.72
C LYS A 430 17.92 7.51 -2.66
N SER A 431 17.50 7.03 -3.82
CA SER A 431 16.35 6.10 -4.00
C SER A 431 16.81 4.67 -3.74
N VAL A 432 16.34 4.06 -2.66
CA VAL A 432 16.51 2.61 -2.37
C VAL A 432 15.33 1.87 -3.00
N PRO A 433 15.55 0.73 -3.69
CA PRO A 433 14.44 -0.04 -4.27
C PRO A 433 13.41 -0.50 -3.23
N LEU A 434 12.12 -0.39 -3.55
CA LEU A 434 10.99 -0.79 -2.66
C LEU A 434 11.10 -2.29 -2.35
N SER A 435 10.76 -2.68 -1.12
CA SER A 435 10.71 -4.11 -0.68
C SER A 435 9.48 -4.33 0.19
N MET A 436 8.72 -5.40 -0.07
CA MET A 436 7.59 -5.88 0.75
C MET A 436 8.10 -7.00 1.68
N THR A 437 9.34 -7.42 1.50
CA THR A 437 9.99 -8.50 2.29
C THR A 437 11.08 -7.90 3.20
N ARG A 438 11.32 -8.51 4.36
CA ARG A 438 12.36 -8.05 5.31
C ARG A 438 13.69 -7.94 4.55
N VAL A 439 14.33 -6.77 4.58
CA VAL A 439 15.65 -6.52 3.94
C VAL A 439 16.74 -6.64 5.02
N ASP A 440 17.61 -7.63 4.87
CA ASP A 440 18.77 -7.87 5.77
C ASP A 440 20.00 -7.16 5.18
N ARG A 441 20.29 -7.37 3.90
CA ARG A 441 21.36 -6.68 3.13
C ARG A 441 20.72 -5.65 2.20
N VAL A 442 20.84 -4.36 2.54
CA VAL A 442 20.24 -3.21 1.79
C VAL A 442 20.96 -3.05 0.46
N PRO A 443 20.26 -3.04 -0.69
CA PRO A 443 20.92 -2.82 -1.99
C PRO A 443 21.30 -1.34 -2.13
N ASP A 444 22.35 -1.06 -2.90
CA ASP A 444 22.87 0.32 -3.09
C ASP A 444 21.75 1.15 -3.73
N GLY A 445 21.51 2.35 -3.20
CA GLY A 445 20.56 3.29 -3.80
C GLY A 445 21.13 3.92 -5.06
N VAL A 446 20.31 4.68 -5.78
CA VAL A 446 20.73 5.56 -6.90
C VAL A 446 20.51 7.01 -6.46
N GLN A 447 21.51 7.87 -6.65
CA GLN A 447 21.45 9.34 -6.45
C GLN A 447 20.58 9.97 -7.55
N VAL A 448 19.30 10.22 -7.26
CA VAL A 448 18.28 10.76 -8.22
C VAL A 448 18.21 12.29 -8.10
N ILE A 449 18.41 12.82 -6.89
CA ILE A 449 18.57 14.27 -6.59
C ILE A 449 19.95 14.43 -5.93
N SER A 450 20.69 15.48 -6.25
CA SER A 450 22.01 15.77 -5.61
C SER A 450 21.82 15.93 -4.11
N PRO A 451 22.80 15.53 -3.27
CA PRO A 451 22.63 15.55 -1.81
C PRO A 451 22.34 16.94 -1.23
N GLU A 452 22.92 18.00 -1.81
CA GLU A 452 22.71 19.40 -1.37
C GLU A 452 21.26 19.84 -1.67
N VAL A 453 20.80 19.64 -2.90
CA VAL A 453 19.40 20.00 -3.31
C VAL A 453 18.43 19.32 -2.36
N ALA A 454 18.60 18.01 -2.12
CA ALA A 454 17.70 17.17 -1.28
C ALA A 454 17.69 17.71 0.16
N SER A 455 18.86 18.08 0.69
CA SER A 455 19.05 18.67 2.03
C SER A 455 18.34 20.03 2.11
N THR A 456 18.38 20.80 1.02
CA THR A 456 17.70 22.11 0.93
C THR A 456 16.18 21.91 0.96
N VAL A 457 15.64 21.01 0.12
CA VAL A 457 14.17 20.80 0.01
C VAL A 457 13.66 20.22 1.35
N GLN A 458 14.45 19.38 2.02
CA GLN A 458 14.13 18.89 3.40
C GLN A 458 13.90 20.09 4.32
N GLY A 459 14.84 21.04 4.33
CA GLY A 459 14.78 22.27 5.13
C GLY A 459 13.50 23.02 4.88
N MET A 460 13.11 23.16 3.60
CA MET A 460 11.92 23.92 3.16
C MET A 460 10.65 23.21 3.63
N LEU A 461 10.60 21.87 3.53
CA LEU A 461 9.40 21.06 3.91
C LEU A 461 9.28 21.00 5.44
N GLN A 462 10.39 21.09 6.17
CA GLN A 462 10.36 21.27 7.64
C GLN A 462 9.66 22.60 7.97
N GLN A 463 10.00 23.68 7.27
CA GLN A 463 9.34 25.02 7.40
C GLN A 463 7.85 24.92 7.04
N VAL A 464 7.48 24.15 6.03
CA VAL A 464 6.03 24.00 5.65
C VAL A 464 5.23 23.56 6.88
N VAL A 465 5.78 22.70 7.73
CA VAL A 465 5.08 22.15 8.93
C VAL A 465 5.29 23.10 10.13
N GLU A 466 6.53 23.56 10.35
CA GLU A 466 6.97 24.31 11.56
C GLU A 466 6.51 25.78 11.47
N ALA A 467 6.73 26.45 10.34
CA ALA A 467 6.63 27.93 10.20
C ALA A 467 5.18 28.42 10.38
N GLN A 468 5.02 29.69 10.74
CA GLN A 468 3.70 30.38 10.86
C GLN A 468 3.09 30.52 9.47
N GLY A 469 1.77 30.31 9.36
CA GLY A 469 1.04 30.09 8.10
C GLY A 469 1.08 28.63 7.67
N GLY A 470 1.94 27.82 8.30
CA GLY A 470 2.23 26.43 7.89
C GLY A 470 1.12 25.47 8.29
N VAL A 471 1.30 24.19 7.96
CA VAL A 471 0.35 23.08 8.29
C VAL A 471 0.65 22.63 9.73
N PHE A 472 0.19 23.42 10.71
CA PHE A 472 0.52 23.27 12.16
C PHE A 472 0.03 21.90 12.66
N ARG A 473 -1.05 21.36 12.10
CA ARG A 473 -1.73 20.12 12.57
C ARG A 473 -0.99 18.86 12.11
N ALA A 474 0.10 19.01 11.35
CA ALA A 474 1.02 17.91 10.95
C ALA A 474 2.22 17.86 11.90
N GLN A 475 2.43 18.89 12.72
CA GLN A 475 3.54 18.95 13.72
C GLN A 475 3.48 17.65 14.55
N VAL A 476 4.63 17.00 14.73
CA VAL A 476 4.77 15.73 15.49
C VAL A 476 5.40 16.07 16.82
N PRO A 477 4.62 16.04 17.92
CA PRO A 477 5.11 16.47 19.23
C PRO A 477 6.36 15.65 19.61
N GLY A 478 7.45 16.33 19.94
CA GLY A 478 8.73 15.71 20.32
C GLY A 478 9.74 15.77 19.19
N TYR A 479 9.29 15.68 17.94
CA TYR A 479 10.18 15.53 16.75
C TYR A 479 9.99 16.70 15.77
N HIS A 480 10.96 16.86 14.87
CA HIS A 480 10.86 17.74 13.68
C HIS A 480 10.37 16.90 12.49
N ALA A 481 9.13 17.14 12.06
CA ALA A 481 8.49 16.52 10.87
C ALA A 481 8.62 17.45 9.66
N ALA A 482 8.59 16.88 8.45
CA ALA A 482 8.63 17.60 7.16
C ALA A 482 7.54 17.03 6.25
N GLY A 483 6.93 17.84 5.39
CA GLY A 483 5.79 17.35 4.60
C GLY A 483 5.06 18.42 3.83
N LYS A 484 4.14 17.98 2.97
CA LYS A 484 3.31 18.83 2.09
C LYS A 484 1.90 18.23 2.02
N SER A 485 0.88 19.04 2.24
CA SER A 485 -0.53 18.68 1.95
C SER A 485 -0.78 18.85 0.44
N GLY A 486 -1.89 18.29 -0.02
CA GLY A 486 -2.41 18.56 -1.36
C GLY A 486 -3.80 17.99 -1.49
N THR A 487 -4.51 18.43 -2.53
CA THR A 487 -5.78 17.87 -3.02
C THR A 487 -5.48 17.14 -4.33
N ALA A 488 -5.77 15.85 -4.37
CA ALA A 488 -5.61 14.98 -5.54
C ALA A 488 -6.94 14.92 -6.31
N ARG A 489 -6.88 14.58 -7.60
CA ARG A 489 -8.03 14.55 -8.54
C ARG A 489 -8.07 13.17 -9.22
N ASN A 501 -13.27 15.84 -11.43
CA ASN A 501 -13.72 14.46 -11.07
C ASN A 501 -13.71 14.32 -9.53
N ALA A 502 -13.15 13.22 -9.00
CA ALA A 502 -13.20 12.84 -7.56
C ALA A 502 -11.93 13.34 -6.86
N TYR A 503 -12.09 13.87 -5.64
CA TYR A 503 -11.02 14.55 -4.87
C TYR A 503 -10.60 13.65 -3.70
N ARG A 504 -9.30 13.59 -3.43
CA ARG A 504 -8.73 12.92 -2.24
C ARG A 504 -7.94 14.00 -1.49
N SER A 505 -7.95 13.95 -0.17
CA SER A 505 -7.07 14.77 0.70
C SER A 505 -5.78 13.99 0.92
N LEU A 506 -4.64 14.65 0.76
CA LEU A 506 -3.28 14.06 0.74
C LEU A 506 -2.43 14.76 1.78
N PHE A 507 -1.65 14.01 2.52
CA PHE A 507 -0.41 14.51 3.18
C PHE A 507 0.72 13.54 2.87
N ALA A 508 1.90 14.09 2.55
CA ALA A 508 3.14 13.33 2.31
C ALA A 508 4.25 13.98 3.14
N GLY A 509 4.99 13.20 3.90
CA GLY A 509 6.13 13.75 4.65
C GLY A 509 7.02 12.68 5.24
N PHE A 510 7.98 13.12 6.02
CA PHE A 510 9.02 12.28 6.64
C PHE A 510 9.45 12.93 7.95
N ALA A 511 10.14 12.17 8.78
CA ALA A 511 10.56 12.58 10.14
C ALA A 511 11.57 11.56 10.62
N PRO A 512 12.51 11.93 11.53
CA PRO A 512 12.75 13.32 11.91
C PRO A 512 13.44 14.10 10.79
N ALA A 513 13.26 15.42 10.75
CA ALA A 513 13.82 16.34 9.74
C ALA A 513 15.35 16.30 9.74
N THR A 514 15.98 16.09 10.89
CA THR A 514 17.47 16.15 11.07
C THR A 514 18.13 14.94 10.41
N ASP A 515 17.58 13.74 10.64
CA ASP A 515 18.14 12.43 10.18
C ASP A 515 16.96 11.54 9.82
N PRO A 516 16.25 11.81 8.69
CA PRO A 516 14.96 11.19 8.40
C PRO A 516 15.01 9.65 8.47
N ARG A 517 13.97 9.04 9.03
CA ARG A 517 13.86 7.58 9.25
C ARG A 517 12.65 7.00 8.50
N ILE A 518 11.51 7.68 8.58
CA ILE A 518 10.20 7.22 8.05
C ILE A 518 9.67 8.25 7.03
N ALA A 519 9.15 7.78 5.89
CA ALA A 519 8.35 8.56 4.93
C ALA A 519 6.92 8.01 5.00
N MET A 520 5.92 8.88 4.93
CA MET A 520 4.49 8.49 5.11
C MET A 520 3.66 9.24 4.08
N VAL A 521 2.68 8.55 3.50
CA VAL A 521 1.61 9.16 2.66
C VAL A 521 0.25 8.77 3.25
N VAL A 522 -0.61 9.76 3.48
CA VAL A 522 -2.03 9.59 3.90
C VAL A 522 -2.93 10.02 2.75
N VAL A 523 -3.95 9.22 2.45
CA VAL A 523 -4.97 9.49 1.38
C VAL A 523 -6.36 9.23 1.98
N ILE A 524 -7.20 10.27 2.02
CA ILE A 524 -8.60 10.19 2.50
C ILE A 524 -9.51 10.67 1.36
N ASP A 525 -10.44 9.82 0.94
CA ASP A 525 -11.39 10.08 -0.18
C ASP A 525 -12.44 11.13 0.23
N GLU A 526 -12.61 12.18 -0.58
CA GLU A 526 -13.72 13.17 -0.53
C GLU A 526 -14.29 13.28 0.88
N PRO A 527 -13.46 13.71 1.87
CA PRO A 527 -13.86 13.68 3.28
C PRO A 527 -15.00 14.67 3.61
N GLY A 535 -6.40 19.10 3.08
CA GLY A 535 -5.66 20.28 3.57
C GLY A 535 -5.39 20.22 5.06
N LEU A 536 -6.44 19.98 5.86
CA LEU A 536 -6.38 19.79 7.33
C LEU A 536 -7.23 18.58 7.72
N VAL A 537 -7.29 17.58 6.82
CA VAL A 537 -8.02 16.30 7.05
C VAL A 537 -7.00 15.20 7.32
N SER A 538 -6.03 15.04 6.40
CA SER A 538 -5.05 13.94 6.39
C SER A 538 -3.85 14.32 7.27
N ALA A 539 -3.59 15.61 7.44
CA ALA A 539 -2.43 16.15 8.20
C ALA A 539 -2.43 15.69 9.66
N PRO A 540 -3.58 15.67 10.38
CA PRO A 540 -3.61 15.21 11.78
C PRO A 540 -3.35 13.70 11.91
N VAL A 541 -3.69 12.94 10.87
CA VAL A 541 -3.42 11.48 10.82
C VAL A 541 -1.90 11.30 10.72
N PHE A 542 -1.27 12.00 9.78
CA PHE A 542 0.21 12.00 9.64
C PHE A 542 0.83 12.17 11.03
N SER A 543 0.42 13.22 11.74
CA SER A 543 0.89 13.61 13.10
C SER A 543 0.82 12.43 14.05
N LYS A 544 -0.38 11.87 14.24
CA LYS A 544 -0.68 10.76 15.20
C LYS A 544 0.10 9.49 14.83
N VAL A 545 0.02 9.05 13.57
CA VAL A 545 0.68 7.80 13.08
C VAL A 545 2.21 7.93 13.13
N MET A 546 2.75 9.08 12.71
CA MET A 546 4.22 9.32 12.69
C MET A 546 4.76 9.36 14.13
N ALA A 547 4.06 10.03 15.06
CA ALA A 547 4.39 10.05 16.51
C ALA A 547 4.51 8.63 17.05
N GLY A 548 3.56 7.75 16.70
CA GLY A 548 3.53 6.36 17.16
C GLY A 548 4.65 5.54 16.54
N ALA A 549 4.85 5.69 15.23
CA ALA A 549 5.84 4.93 14.43
C ALA A 549 7.25 5.22 14.95
N LEU A 550 7.62 6.49 15.05
CA LEU A 550 8.95 6.91 15.54
C LEU A 550 9.19 6.34 16.94
N ARG A 551 8.21 6.42 17.84
CA ARG A 551 8.37 5.89 19.23
CA ARG A 551 8.35 5.89 19.22
C ARG A 551 8.45 4.36 19.17
N LEU A 552 7.67 3.72 18.29
CA LEU A 552 7.69 2.23 18.18
C LEU A 552 9.05 1.76 17.62
N MET A 553 9.74 2.60 16.85
CA MET A 553 11.06 2.25 16.26
C MET A 553 12.20 2.84 17.10
N ASN A 554 11.87 3.41 18.27
CA ASN A 554 12.85 3.88 19.29
C ASN A 554 13.77 4.94 18.65
N VAL A 555 13.21 5.84 17.82
CA VAL A 555 13.96 6.98 17.21
C VAL A 555 14.07 8.05 18.28
N PRO A 556 15.29 8.47 18.68
CA PRO A 556 15.45 9.50 19.70
C PRO A 556 14.85 10.83 19.24
N PRO A 557 14.03 11.50 20.08
CA PRO A 557 13.56 12.85 19.79
C PRO A 557 14.72 13.81 19.41
N ASP A 558 14.53 14.61 18.36
CA ASP A 558 15.57 15.52 17.80
C ASP A 558 15.29 16.98 18.22
N ASN A 559 14.07 17.27 18.69
CA ASN A 559 13.70 18.61 19.23
C ASN A 559 14.22 18.71 20.66
#